data_3ZS6
#
_entry.id   3ZS6
#
_cell.length_a   46.860
_cell.length_b   81.930
_cell.length_c   74.180
_cell.angle_alpha   90.00
_cell.angle_beta   104.34
_cell.angle_gamma   90.00
#
_symmetry.space_group_name_H-M   'P 1 21 1'
#
loop_
_entity.id
_entity.type
_entity.pdbx_description
1 polymer 'PERIPLASMIC OLIGOPEPTIDE-BINDING PROTEIN'
2 polymer 'OLIGOPEPTIDE DVA'
3 non-polymer GLYCEROL
4 non-polymer 'CHLORIDE ION'
5 water water
#
loop_
_entity_poly.entity_id
_entity_poly.type
_entity_poly.pdbx_seq_one_letter_code
_entity_poly.pdbx_strand_id
1 'polypeptide(L)'
;LADQQDLTRQVPAEVESLDPAHIESWTGNTIGLDLFEGLARIDASGAVVPGVAQAWEHKAPDTWIFKLRRDAKWSNGQPV
TAADFVYAWQRLADPKTGSKYTILVEFVKNASAIIAGKQPPGDLGIRAIDPYTIEVKTEVPVSYFPELTAMAPLTPVNKD
AVAKFGDAWTRPKNIVSNGPYTLVDWQPNNRIVMAKSDKYWNARNVVIRKVTYLPIENDETALRMYQAGQIDYTYSIPAG
GFGQISKQFGKELRPGLQLATYYYYLKNSDPALKDKRVREALAMVLDREILTSKITQAGEVPMYGLMPKGVKGVQRPFTP
DWASWPMARRVDYAKNLLKQAGHGDANPLTFTLTYNTNDLHKKVALFAASEWRTKLGVTAKLENVEFKVLMKQRHDGKVQ
IARDGWFADYNDAMTFFDLIRCGSSQNTVGYCNPKVDSLVAEANQKLDDGARAALLTQAHDLAMNDYPMVPLFQYSADRL
VKSYVGGYTLTNYIDMRASQDMYLIK
;
A
2 'polypeptide(L)' DVA B
#
# COMPACT_ATOMS: atom_id res chain seq x y z
N LEU A 1 13.92 22.73 20.34
CA LEU A 1 13.68 21.30 20.50
C LEU A 1 13.35 20.96 21.94
N ALA A 2 12.48 19.96 22.14
CA ALA A 2 12.15 19.47 23.47
C ALA A 2 13.33 18.67 24.03
N ASP A 3 13.47 18.64 25.35
CA ASP A 3 14.53 17.86 25.99
C ASP A 3 14.43 16.39 25.60
N GLN A 4 13.22 15.85 25.71
CA GLN A 4 12.96 14.45 25.40
C GLN A 4 12.47 14.25 23.98
N GLN A 5 12.88 13.15 23.36
CA GLN A 5 12.62 12.91 21.94
C GLN A 5 12.17 11.47 21.73
N ASP A 6 11.12 11.07 22.44
CA ASP A 6 10.51 9.76 22.26
C ASP A 6 9.23 9.93 21.47
N LEU A 7 9.03 9.10 20.47
CA LEU A 7 7.82 9.14 19.67
C LEU A 7 7.10 7.80 19.71
N THR A 8 5.79 7.85 19.97
CA THR A 8 4.97 6.64 19.97
C THR A 8 3.89 6.76 18.89
N ARG A 9 3.92 5.83 17.94
CA ARG A 9 3.01 5.84 16.80
C ARG A 9 2.11 4.61 16.82
N GLN A 10 0.82 4.80 16.51
CA GLN A 10 -0.13 3.68 16.48
C GLN A 10 -0.27 3.15 15.07
N VAL A 11 -0.15 1.83 14.91
CA VAL A 11 -0.40 1.18 13.62
C VAL A 11 -1.65 0.28 13.69
N PRO A 12 -2.32 0.06 12.55
CA PRO A 12 -3.65 -0.59 12.56
C PRO A 12 -3.63 -2.09 12.81
N ALA A 13 -2.46 -2.72 12.79
CA ALA A 13 -2.37 -4.16 12.99
C ALA A 13 -0.92 -4.59 13.21
N GLU A 14 -0.72 -5.83 13.67
CA GLU A 14 0.61 -6.41 13.79
C GLU A 14 1.25 -6.50 12.41
N VAL A 15 2.51 -6.06 12.30
CA VAL A 15 3.23 -6.04 11.03
C VAL A 15 3.46 -7.47 10.53
N GLU A 16 3.36 -7.67 9.21
CA GLU A 16 3.46 -9.02 8.65
C GLU A 16 4.89 -9.56 8.66
N SER A 17 5.86 -8.66 8.55
CA SER A 17 7.26 -9.06 8.46
C SER A 17 8.12 -7.82 8.58
N LEU A 18 9.38 -8.00 8.97
CA LEU A 18 10.35 -6.92 8.93
C LEU A 18 11.47 -7.25 7.96
N ASP A 19 11.28 -8.34 7.20
CA ASP A 19 12.18 -8.70 6.12
C ASP A 19 11.72 -7.95 4.87
N PRO A 20 12.58 -7.07 4.32
CA PRO A 20 12.20 -6.28 3.15
C PRO A 20 11.57 -7.12 2.04
N ALA A 21 12.01 -8.36 1.89
CA ALA A 21 11.49 -9.21 0.83
C ALA A 21 10.06 -9.69 1.07
N HIS A 22 9.58 -9.56 2.31
CA HIS A 22 8.24 -10.03 2.63
C HIS A 22 7.31 -8.93 3.13
N ILE A 23 7.77 -7.68 3.03
CA ILE A 23 6.97 -6.53 3.43
C ILE A 23 5.93 -6.18 2.34
N GLU A 24 4.66 -6.11 2.72
CA GLU A 24 3.59 -5.86 1.76
C GLU A 24 2.72 -4.67 2.11
N SER A 25 2.66 -4.33 3.40
CA SER A 25 1.61 -3.41 3.88
C SER A 25 2.11 -2.00 4.19
N TRP A 26 1.14 -1.10 4.35
CA TRP A 26 1.42 0.24 4.84
C TRP A 26 2.22 0.15 6.14
N THR A 27 1.80 -0.72 7.05
CA THR A 27 2.48 -0.86 8.33
C THR A 27 3.90 -1.37 8.15
N GLY A 28 4.08 -2.40 7.30
CA GLY A 28 5.39 -2.95 7.04
C GLY A 28 6.36 -1.94 6.45
N ASN A 29 5.88 -1.13 5.52
CA ASN A 29 6.72 -0.08 4.93
C ASN A 29 7.06 1.04 5.90
N THR A 30 6.09 1.48 6.70
CA THR A 30 6.33 2.56 7.66
C THR A 30 7.37 2.13 8.71
N ILE A 31 7.15 0.98 9.33
CA ILE A 31 8.12 0.44 10.27
C ILE A 31 9.47 0.09 9.60
N GLY A 32 9.43 -0.63 8.48
CA GLY A 32 10.65 -1.07 7.82
C GLY A 32 11.55 0.06 7.32
N LEU A 33 10.95 1.19 6.94
CA LEU A 33 11.73 2.30 6.40
C LEU A 33 12.38 3.15 7.49
N ASP A 34 11.94 2.97 8.74
CA ASP A 34 12.68 3.50 9.87
C ASP A 34 13.93 2.63 10.13
N LEU A 35 13.84 1.33 9.82
CA LEU A 35 14.95 0.39 10.08
C LEU A 35 15.94 0.22 8.91
N PHE A 36 15.46 0.41 7.69
CA PHE A 36 16.27 0.24 6.48
C PHE A 36 16.20 1.46 5.58
N GLU A 37 17.28 1.71 4.84
CA GLU A 37 17.32 2.83 3.92
C GLU A 37 17.69 2.36 2.54
N GLY A 38 16.88 2.71 1.55
CA GLY A 38 17.12 2.32 0.16
C GLY A 38 17.98 3.34 -0.55
N LEU A 39 18.07 3.22 -1.88
CA LEU A 39 18.82 4.18 -2.69
C LEU A 39 18.32 5.61 -2.44
N ALA A 40 17.00 5.75 -2.35
CA ALA A 40 16.35 7.02 -2.09
C ALA A 40 15.39 6.91 -0.90
N ARG A 41 14.90 8.05 -0.43
CA ARG A 41 13.87 8.10 0.62
C ARG A 41 12.75 9.04 0.19
N ILE A 42 11.56 8.87 0.78
CA ILE A 42 10.51 9.87 0.68
C ILE A 42 10.48 10.67 1.95
N ASP A 43 10.67 11.98 1.86
CA ASP A 43 10.77 12.81 3.07
C ASP A 43 9.41 13.28 3.55
N ALA A 44 9.40 14.17 4.54
CA ALA A 44 8.14 14.53 5.20
C ALA A 44 7.18 15.21 4.24
N SER A 45 7.72 15.88 3.23
CA SER A 45 6.92 16.59 2.25
C SER A 45 6.41 15.68 1.13
N GLY A 46 6.95 14.48 1.03
CA GLY A 46 6.61 13.58 -0.05
C GLY A 46 7.63 13.62 -1.18
N ALA A 47 8.67 14.44 -1.02
CA ALA A 47 9.73 14.53 -2.02
C ALA A 47 10.67 13.32 -1.99
N VAL A 48 11.17 12.94 -3.16
CA VAL A 48 12.15 11.88 -3.27
C VAL A 48 13.53 12.47 -2.99
N VAL A 49 14.20 12.03 -1.93
CA VAL A 49 15.50 12.58 -1.57
C VAL A 49 16.56 11.48 -1.46
N PRO A 50 17.85 11.87 -1.44
CA PRO A 50 18.96 10.90 -1.35
C PRO A 50 18.86 9.99 -0.14
N GLY A 51 19.02 8.68 -0.37
CA GLY A 51 19.13 7.70 0.70
C GLY A 51 20.58 7.25 0.78
N VAL A 52 20.82 5.97 0.50
CA VAL A 52 22.19 5.47 0.38
C VAL A 52 22.85 6.09 -0.86
N ALA A 53 22.06 6.30 -1.90
CA ALA A 53 22.53 6.99 -3.09
C ALA A 53 22.56 8.51 -2.85
N GLN A 54 23.70 9.13 -3.07
CA GLN A 54 23.79 10.57 -2.90
C GLN A 54 23.33 11.29 -4.17
N ALA A 55 23.29 10.56 -5.27
CA ALA A 55 22.90 11.14 -6.55
C ALA A 55 22.50 10.06 -7.55
N TRP A 56 21.72 10.44 -8.56
CA TRP A 56 21.36 9.51 -9.63
C TRP A 56 21.11 10.25 -10.92
N GLU A 57 21.14 9.52 -12.02
CA GLU A 57 21.03 10.10 -13.35
C GLU A 57 20.36 9.12 -14.30
N HIS A 58 19.42 9.64 -15.09
CA HIS A 58 18.75 8.87 -16.13
C HIS A 58 19.58 8.92 -17.41
N LYS A 59 20.57 8.04 -17.50
CA LYS A 59 21.58 8.11 -18.56
C LYS A 59 21.04 7.78 -19.94
N ALA A 60 20.07 6.87 -19.99
CA ALA A 60 19.42 6.49 -21.23
C ALA A 60 17.99 6.11 -20.90
N PRO A 61 17.13 6.02 -21.92
CA PRO A 61 15.73 5.67 -21.65
C PRO A 61 15.62 4.49 -20.69
N ASP A 62 16.41 3.46 -20.89
CA ASP A 62 16.27 2.23 -20.08
C ASP A 62 17.36 2.06 -19.03
N THR A 63 18.07 3.14 -18.71
CA THR A 63 19.25 3.04 -17.85
C THR A 63 19.34 4.14 -16.80
N TRP A 64 19.47 3.74 -15.53
CA TRP A 64 19.69 4.66 -14.42
C TRP A 64 21.02 4.37 -13.73
N ILE A 65 21.72 5.43 -13.31
CA ILE A 65 22.96 5.28 -12.55
C ILE A 65 22.75 5.88 -11.16
N PHE A 66 23.09 5.12 -10.12
CA PHE A 66 23.02 5.61 -8.75
C PHE A 66 24.43 5.67 -8.17
N LYS A 67 24.82 6.84 -7.68
CA LYS A 67 26.12 7.00 -7.03
C LYS A 67 25.91 6.94 -5.54
N LEU A 68 26.48 5.92 -4.91
CA LEU A 68 26.31 5.72 -3.47
C LEU A 68 27.29 6.59 -2.66
N ARG A 69 26.85 7.05 -1.50
CA ARG A 69 27.77 7.71 -0.59
C ARG A 69 28.69 6.64 -0.04
N ARG A 70 29.85 7.04 0.46
CA ARG A 70 30.88 6.09 0.87
C ARG A 70 30.78 5.75 2.34
N ASP A 71 29.92 6.43 3.09
CA ASP A 71 29.92 6.23 4.53
C ASP A 71 28.62 5.61 5.06
N ALA A 72 27.86 4.95 4.19
CA ALA A 72 26.67 4.22 4.63
C ALA A 72 27.10 2.93 5.35
N LYS A 73 26.52 2.70 6.52
CA LYS A 73 26.90 1.53 7.31
C LYS A 73 25.71 0.69 7.78
N TRP A 74 25.95 -0.61 7.92
CA TRP A 74 25.04 -1.52 8.59
C TRP A 74 25.11 -1.29 10.09
N SER A 75 24.16 -1.86 10.82
CA SER A 75 24.10 -1.67 12.27
C SER A 75 25.22 -2.39 13.01
N ASN A 76 25.89 -3.32 12.33
CA ASN A 76 27.03 -4.02 12.92
C ASN A 76 28.36 -3.38 12.56
N GLY A 77 28.29 -2.21 11.93
CA GLY A 77 29.50 -1.45 11.61
C GLY A 77 30.07 -1.74 10.23
N GLN A 78 29.56 -2.78 9.58
CA GLN A 78 30.00 -3.13 8.22
C GLN A 78 29.48 -2.09 7.23
N PRO A 79 30.24 -1.85 6.15
CA PRO A 79 29.87 -0.86 5.14
C PRO A 79 28.70 -1.33 4.26
N VAL A 80 27.91 -0.38 3.77
CA VAL A 80 26.88 -0.68 2.80
C VAL A 80 27.42 -0.36 1.40
N THR A 81 27.40 -1.34 0.51
CA THR A 81 27.88 -1.13 -0.85
C THR A 81 26.91 -1.61 -1.93
N ALA A 82 27.29 -1.37 -3.17
CA ALA A 82 26.52 -1.74 -4.34
C ALA A 82 26.13 -3.21 -4.25
N ALA A 83 27.09 -4.05 -3.87
CA ALA A 83 26.86 -5.48 -3.77
C ALA A 83 25.63 -5.81 -2.92
N ASP A 84 25.38 -5.00 -1.88
CA ASP A 84 24.24 -5.25 -0.99
C ASP A 84 22.90 -5.10 -1.72
N PHE A 85 22.84 -4.17 -2.68
CA PHE A 85 21.63 -3.96 -3.46
C PHE A 85 21.44 -5.04 -4.53
N VAL A 86 22.52 -5.40 -5.22
CA VAL A 86 22.48 -6.48 -6.20
C VAL A 86 21.90 -7.74 -5.53
N TYR A 87 22.44 -8.08 -4.37
CA TYR A 87 21.98 -9.24 -3.61
C TYR A 87 20.51 -9.14 -3.23
N ALA A 88 20.13 -7.99 -2.68
CA ALA A 88 18.76 -7.79 -2.21
C ALA A 88 17.74 -7.94 -3.33
N TRP A 89 18.03 -7.30 -4.47
CA TRP A 89 17.09 -7.31 -5.58
C TRP A 89 17.02 -8.67 -6.28
N GLN A 90 18.16 -9.33 -6.45
CA GLN A 90 18.18 -10.69 -7.00
C GLN A 90 17.36 -11.62 -6.08
N ARG A 91 17.54 -11.45 -4.78
CA ARG A 91 16.82 -12.25 -3.78
C ARG A 91 15.30 -12.01 -3.88
N LEU A 92 14.91 -10.76 -4.00
CA LEU A 92 13.52 -10.40 -4.17
C LEU A 92 12.91 -11.03 -5.42
N ALA A 93 13.66 -11.01 -6.51
CA ALA A 93 13.20 -11.54 -7.80
C ALA A 93 13.11 -13.07 -7.80
N ASP A 94 14.04 -13.71 -7.09
CA ASP A 94 14.10 -15.18 -7.03
C ASP A 94 12.80 -15.81 -6.50
N PRO A 95 12.10 -16.60 -7.34
CA PRO A 95 10.83 -17.17 -6.86
C PRO A 95 11.02 -18.13 -5.68
N LYS A 96 12.23 -18.63 -5.50
CA LYS A 96 12.50 -19.50 -4.36
C LYS A 96 12.42 -18.73 -3.04
N THR A 97 12.58 -17.41 -3.11
CA THR A 97 12.41 -16.56 -1.94
C THR A 97 10.94 -16.48 -1.51
N GLY A 98 10.02 -16.58 -2.46
CA GLY A 98 8.60 -16.54 -2.17
C GLY A 98 8.06 -15.17 -1.79
N SER A 99 8.67 -14.10 -2.29
CA SER A 99 8.15 -12.75 -2.04
C SER A 99 6.77 -12.55 -2.67
N LYS A 100 5.88 -11.91 -1.93
CA LYS A 100 4.59 -11.49 -2.49
C LYS A 100 4.68 -10.10 -3.10
N TYR A 101 5.87 -9.50 -3.11
CA TYR A 101 6.01 -8.14 -3.62
C TYR A 101 7.03 -8.00 -4.73
N THR A 102 7.00 -8.94 -5.68
CA THR A 102 7.92 -8.87 -6.81
C THR A 102 7.57 -7.72 -7.77
N ILE A 103 6.41 -7.11 -7.59
CA ILE A 103 5.96 -6.06 -8.51
C ILE A 103 6.96 -4.90 -8.65
N LEU A 104 7.62 -4.53 -7.56
CA LEU A 104 8.54 -3.39 -7.60
C LEU A 104 9.81 -3.67 -8.41
N VAL A 105 10.30 -4.90 -8.38
CA VAL A 105 11.50 -5.25 -9.13
C VAL A 105 11.15 -5.63 -10.56
N GLU A 106 9.85 -5.73 -10.83
CA GLU A 106 9.39 -6.18 -12.14
C GLU A 106 9.80 -5.26 -13.29
N PHE A 107 10.04 -3.99 -12.98
CA PHE A 107 10.45 -3.03 -14.02
C PHE A 107 11.89 -3.28 -14.45
N VAL A 108 12.65 -3.97 -13.61
CA VAL A 108 14.06 -4.22 -13.90
C VAL A 108 14.24 -5.28 -14.98
N LYS A 109 15.28 -5.09 -15.81
CA LYS A 109 15.54 -5.93 -16.96
C LYS A 109 15.65 -7.40 -16.57
N ASN A 110 14.87 -8.24 -17.25
CA ASN A 110 14.86 -9.68 -17.02
C ASN A 110 14.06 -10.15 -15.81
N ALA A 111 13.58 -9.22 -15.00
CA ALA A 111 12.86 -9.60 -13.77
C ALA A 111 11.69 -10.57 -14.02
N SER A 112 10.88 -10.27 -15.03
CA SER A 112 9.73 -11.12 -15.37
C SER A 112 10.14 -12.57 -15.59
N ALA A 113 11.14 -12.79 -16.44
CA ALA A 113 11.62 -14.12 -16.74
C ALA A 113 12.13 -14.82 -15.48
N ILE A 114 12.82 -14.07 -14.63
CA ILE A 114 13.35 -14.63 -13.39
C ILE A 114 12.23 -15.06 -12.44
N ILE A 115 11.28 -14.16 -12.22
CA ILE A 115 10.10 -14.43 -11.40
C ILE A 115 9.38 -15.68 -11.90
N ALA A 116 9.33 -15.84 -13.22
CA ALA A 116 8.69 -16.99 -13.83
C ALA A 116 9.56 -18.25 -13.76
N GLY A 117 10.80 -18.08 -13.33
CA GLY A 117 11.71 -19.21 -13.21
C GLY A 117 12.36 -19.63 -14.52
N LYS A 118 12.30 -18.76 -15.53
CA LYS A 118 12.87 -19.07 -16.84
C LYS A 118 14.36 -18.69 -16.92
N GLN A 119 14.77 -17.76 -16.08
CA GLN A 119 16.18 -17.34 -16.03
C GLN A 119 16.66 -17.26 -14.59
N PRO A 120 17.96 -17.47 -14.37
CA PRO A 120 18.52 -17.39 -13.01
C PRO A 120 18.54 -15.95 -12.50
N PRO A 121 18.40 -15.76 -11.19
CA PRO A 121 18.39 -14.43 -10.56
C PRO A 121 19.61 -13.58 -10.95
N GLY A 122 20.75 -14.23 -11.22
CA GLY A 122 21.94 -13.51 -11.63
C GLY A 122 21.76 -12.67 -12.89
N ASP A 123 20.73 -12.98 -13.67
CA ASP A 123 20.47 -12.25 -14.92
C ASP A 123 19.78 -10.90 -14.72
N LEU A 124 19.36 -10.60 -13.50
CA LEU A 124 18.64 -9.36 -13.22
C LEU A 124 19.44 -8.12 -13.63
N GLY A 125 18.76 -7.16 -14.24
CA GLY A 125 19.43 -5.95 -14.71
C GLY A 125 19.85 -4.94 -13.66
N ILE A 126 20.44 -5.40 -12.56
CA ILE A 126 21.12 -4.49 -11.64
C ILE A 126 22.58 -4.90 -11.50
N ARG A 127 23.48 -3.94 -11.63
CA ARG A 127 24.90 -4.23 -11.66
C ARG A 127 25.74 -3.29 -10.78
N ALA A 128 26.70 -3.85 -10.06
CA ALA A 128 27.67 -3.04 -9.33
C ALA A 128 28.87 -2.73 -10.22
N ILE A 129 28.89 -1.53 -10.80
CA ILE A 129 30.03 -1.10 -11.62
C ILE A 129 31.28 -1.03 -10.75
N ASP A 130 31.08 -0.54 -9.53
CA ASP A 130 32.10 -0.59 -8.48
C ASP A 130 31.33 -0.48 -7.17
N PRO A 131 32.03 -0.59 -6.03
CA PRO A 131 31.33 -0.67 -4.74
C PRO A 131 30.38 0.51 -4.47
N TYR A 132 30.54 1.62 -5.19
CA TYR A 132 29.74 2.81 -4.91
C TYR A 132 28.98 3.31 -6.12
N THR A 133 28.86 2.44 -7.12
CA THR A 133 28.18 2.82 -8.35
C THR A 133 27.24 1.70 -8.79
N ILE A 134 25.94 2.01 -8.85
CA ILE A 134 24.95 1.03 -9.29
C ILE A 134 24.35 1.37 -10.65
N GLU A 135 24.26 0.38 -11.52
CA GLU A 135 23.58 0.53 -12.79
C GLU A 135 22.32 -0.33 -12.82
N VAL A 136 21.18 0.30 -13.10
CA VAL A 136 19.92 -0.43 -13.26
C VAL A 136 19.39 -0.29 -14.69
N LYS A 137 19.20 -1.44 -15.34
CA LYS A 137 18.55 -1.49 -16.65
C LYS A 137 17.09 -1.86 -16.46
N THR A 138 16.19 -1.12 -17.10
CA THR A 138 14.76 -1.41 -17.00
C THR A 138 14.24 -1.95 -18.32
N GLU A 139 13.17 -2.74 -18.27
CA GLU A 139 12.58 -3.36 -19.46
C GLU A 139 12.05 -2.31 -20.44
N VAL A 140 11.47 -1.26 -19.90
CA VAL A 140 10.97 -0.14 -20.70
C VAL A 140 11.38 1.13 -19.97
N PRO A 141 11.32 2.28 -20.67
CA PRO A 141 11.71 3.51 -19.97
C PRO A 141 10.76 3.87 -18.83
N VAL A 142 11.33 4.24 -17.68
CA VAL A 142 10.56 4.62 -16.50
C VAL A 142 11.12 5.93 -15.96
N SER A 143 10.39 7.01 -16.14
CA SER A 143 10.93 8.35 -15.86
C SER A 143 11.04 8.63 -14.37
N TYR A 144 10.28 7.87 -13.57
CA TYR A 144 10.17 8.12 -12.14
C TYR A 144 10.82 6.99 -11.33
N PHE A 145 11.67 6.21 -11.98
CA PHE A 145 12.21 5.03 -11.33
C PHE A 145 12.74 5.26 -9.92
N PRO A 146 13.39 6.41 -9.67
CA PRO A 146 13.93 6.58 -8.31
C PRO A 146 12.87 6.52 -7.21
N GLU A 147 11.64 6.92 -7.48
CA GLU A 147 10.56 6.82 -6.49
C GLU A 147 10.37 5.40 -5.97
N LEU A 148 10.47 4.42 -6.86
CA LEU A 148 10.29 3.03 -6.49
C LEU A 148 11.33 2.56 -5.48
N THR A 149 12.56 3.02 -5.65
CA THR A 149 13.68 2.59 -4.83
C THR A 149 13.58 3.11 -3.39
N ALA A 150 12.62 4.00 -3.14
CA ALA A 150 12.40 4.52 -1.79
C ALA A 150 11.48 3.61 -0.94
N MET A 151 10.91 2.57 -1.55
CA MET A 151 10.00 1.66 -0.83
CA MET A 151 10.04 1.71 -0.76
C MET A 151 10.75 0.52 -0.13
N ALA A 152 10.12 -0.07 0.88
CA ALA A 152 10.79 -1.07 1.71
C ALA A 152 11.33 -2.30 0.98
N PRO A 153 10.56 -2.84 0.01
CA PRO A 153 11.09 -4.08 -0.57
C PRO A 153 12.35 -3.87 -1.42
N LEU A 154 12.69 -2.63 -1.79
CA LEU A 154 13.94 -2.42 -2.53
C LEU A 154 15.11 -1.95 -1.66
N THR A 155 14.89 -1.89 -0.34
CA THR A 155 16.01 -1.64 0.57
C THR A 155 17.02 -2.79 0.55
N PRO A 156 18.27 -2.51 0.95
CA PRO A 156 19.30 -3.56 0.89
C PRO A 156 19.14 -4.53 2.05
N VAL A 157 19.69 -5.73 1.87
CA VAL A 157 19.71 -6.72 2.93
CA VAL A 157 19.70 -6.75 2.90
C VAL A 157 21.12 -7.29 3.09
N ASN A 158 21.47 -7.61 4.32
CA ASN A 158 22.81 -8.08 4.66
C ASN A 158 22.95 -9.58 4.47
N LYS A 159 23.61 -9.97 3.38
CA LYS A 159 23.73 -11.38 3.01
C LYS A 159 24.24 -12.27 4.15
N ASP A 160 25.27 -11.81 4.85
CA ASP A 160 25.85 -12.59 5.94
C ASP A 160 24.82 -12.86 7.03
N ALA A 161 24.05 -11.83 7.38
CA ALA A 161 23.07 -11.96 8.45
C ALA A 161 21.99 -12.97 8.08
N VAL A 162 21.51 -12.91 6.85
CA VAL A 162 20.51 -13.84 6.37
C VAL A 162 21.08 -15.25 6.32
N ALA A 163 22.34 -15.35 5.91
CA ALA A 163 22.99 -16.64 5.79
C ALA A 163 23.17 -17.28 7.16
N LYS A 164 23.58 -16.47 8.12
CA LYS A 164 23.86 -16.98 9.47
C LYS A 164 22.59 -17.35 10.24
N PHE A 165 21.52 -16.58 10.06
CA PHE A 165 20.35 -16.73 10.94
C PHE A 165 19.07 -17.28 10.30
N GLY A 166 19.02 -17.36 8.98
CA GLY A 166 17.82 -17.86 8.33
C GLY A 166 16.55 -17.09 8.67
N ASP A 167 15.49 -17.80 8.99
CA ASP A 167 14.19 -17.17 9.25
C ASP A 167 14.18 -16.32 10.52
N ALA A 168 15.23 -16.44 11.33
CA ALA A 168 15.31 -15.70 12.58
C ALA A 168 16.17 -14.44 12.45
N TRP A 169 16.50 -14.06 11.22
CA TRP A 169 17.43 -12.94 11.04
C TRP A 169 16.84 -11.60 11.45
N THR A 170 15.52 -11.47 11.36
CA THR A 170 14.85 -10.22 11.75
C THR A 170 14.55 -10.10 13.24
N ARG A 171 14.87 -11.15 14.01
CA ARG A 171 14.74 -11.04 15.46
C ARG A 171 15.69 -9.97 15.99
N PRO A 172 15.25 -9.22 17.01
CA PRO A 172 16.02 -8.11 17.56
C PRO A 172 17.49 -8.47 17.85
N LYS A 173 17.73 -9.70 18.26
CA LYS A 173 19.07 -10.11 18.66
C LYS A 173 19.97 -10.49 17.48
N ASN A 174 19.36 -10.66 16.30
CA ASN A 174 20.09 -11.11 15.12
C ASN A 174 20.15 -10.04 14.03
N ILE A 175 19.13 -9.19 13.98
CA ILE A 175 18.91 -8.32 12.83
C ILE A 175 20.06 -7.36 12.55
N VAL A 176 20.34 -7.18 11.27
CA VAL A 176 21.31 -6.20 10.80
C VAL A 176 20.59 -5.34 9.78
N SER A 177 20.58 -4.04 9.99
CA SER A 177 19.84 -3.13 9.12
C SER A 177 20.59 -1.80 9.00
N ASN A 178 20.20 -0.96 8.05
CA ASN A 178 21.02 0.21 7.73
C ASN A 178 20.32 1.55 7.83
N GLY A 179 19.10 1.56 8.36
CA GLY A 179 18.34 2.79 8.48
C GLY A 179 18.74 3.64 9.68
N PRO A 180 17.97 4.71 9.95
CA PRO A 180 18.30 5.63 11.05
C PRO A 180 18.04 5.03 12.43
N TYR A 181 17.30 3.91 12.49
CA TYR A 181 16.98 3.25 13.76
C TYR A 181 17.35 1.77 13.75
N THR A 182 17.65 1.23 14.94
CA THR A 182 17.90 -0.19 15.09
C THR A 182 16.83 -0.77 16.01
N LEU A 183 16.44 -2.01 15.73
CA LEU A 183 15.36 -2.67 16.44
C LEU A 183 15.80 -3.10 17.84
N VAL A 184 15.08 -2.66 18.86
CA VAL A 184 15.40 -3.05 20.24
C VAL A 184 14.47 -4.12 20.78
N ASP A 185 13.18 -4.02 20.46
CA ASP A 185 12.20 -4.98 20.98
C ASP A 185 11.10 -5.21 19.97
N TRP A 186 10.66 -6.46 19.86
CA TRP A 186 9.55 -6.83 19.00
C TRP A 186 8.69 -7.86 19.71
N GLN A 187 7.59 -7.41 20.31
CA GLN A 187 6.62 -8.33 20.89
C GLN A 187 5.35 -8.30 20.06
N PRO A 188 5.10 -9.37 19.30
CA PRO A 188 3.98 -9.38 18.35
C PRO A 188 2.65 -9.05 19.00
N ASN A 189 1.88 -8.18 18.37
CA ASN A 189 0.58 -7.76 18.90
C ASN A 189 0.69 -6.97 20.19
N ASN A 190 1.90 -6.58 20.54
CA ASN A 190 2.12 -5.82 21.75
C ASN A 190 2.85 -4.53 21.44
N ARG A 191 4.13 -4.64 21.07
CA ARG A 191 4.89 -3.46 20.73
C ARG A 191 6.16 -3.77 19.94
N ILE A 192 6.60 -2.78 19.19
CA ILE A 192 7.92 -2.77 18.59
C ILE A 192 8.63 -1.50 19.05
N VAL A 193 9.86 -1.65 19.53
CA VAL A 193 10.65 -0.50 19.98
C VAL A 193 11.96 -0.42 19.21
N MET A 194 12.35 0.79 18.82
CA MET A 194 13.61 1.00 18.12
C MET A 194 14.33 2.26 18.61
N ALA A 195 15.65 2.25 18.50
CA ALA A 195 16.49 3.31 19.06
C ALA A 195 17.33 3.96 17.97
N LYS A 196 17.58 5.27 18.11
CA LYS A 196 18.39 5.98 17.13
C LYS A 196 19.72 5.24 16.94
N SER A 197 20.14 5.07 15.70
CA SER A 197 21.39 4.39 15.41
C SER A 197 22.55 5.37 15.29
N ASP A 198 23.62 5.11 16.03
CA ASP A 198 24.81 5.95 15.94
C ASP A 198 25.68 5.58 14.74
N LYS A 199 25.30 4.51 14.04
CA LYS A 199 26.02 4.08 12.85
C LYS A 199 25.46 4.70 11.56
N TYR A 200 24.22 5.19 11.60
CA TYR A 200 23.58 5.80 10.43
C TYR A 200 24.37 7.01 9.92
N TRP A 201 24.61 7.05 8.60
CA TRP A 201 25.45 8.10 8.03
C TRP A 201 24.96 9.51 8.38
N ASN A 202 23.64 9.67 8.49
CA ASN A 202 23.09 10.99 8.79
C ASN A 202 22.63 11.15 10.24
N ALA A 203 23.25 10.39 11.14
CA ALA A 203 22.84 10.35 12.54
C ALA A 203 22.79 11.74 13.18
N ARG A 204 23.78 12.57 12.87
CA ARG A 204 23.85 13.92 13.43
C ARG A 204 22.60 14.75 13.17
N ASN A 205 21.86 14.40 12.12
CA ASN A 205 20.64 15.14 11.79
C ASN A 205 19.33 14.41 12.16
N VAL A 206 19.45 13.25 12.78
CA VAL A 206 18.28 12.53 13.27
C VAL A 206 17.97 12.97 14.71
N VAL A 207 16.82 13.59 14.91
CA VAL A 207 16.46 14.16 16.20
C VAL A 207 15.74 13.18 17.13
N ILE A 208 14.72 12.50 16.61
CA ILE A 208 13.97 11.54 17.41
C ILE A 208 14.85 10.37 17.83
N ARG A 209 14.92 10.11 19.13
CA ARG A 209 15.88 9.13 19.67
C ARG A 209 15.27 7.75 19.93
N LYS A 210 13.96 7.69 20.02
CA LYS A 210 13.30 6.42 20.27
C LYS A 210 11.94 6.41 19.61
N VAL A 211 11.62 5.32 18.92
CA VAL A 211 10.31 5.16 18.30
C VAL A 211 9.65 3.87 18.80
N THR A 212 8.40 4.00 19.22
CA THR A 212 7.61 2.87 19.67
C THR A 212 6.39 2.73 18.74
N TYR A 213 6.22 1.54 18.17
CA TYR A 213 5.04 1.23 17.35
C TYR A 213 4.09 0.30 18.09
N LEU A 214 2.85 0.75 18.29
CA LEU A 214 1.84 -0.06 18.98
C LEU A 214 0.73 -0.48 18.00
N PRO A 215 0.57 -1.79 17.79
CA PRO A 215 -0.56 -2.29 16.99
C PRO A 215 -1.84 -2.18 17.78
N ILE A 216 -2.76 -1.33 17.32
CA ILE A 216 -4.05 -1.15 17.95
C ILE A 216 -5.12 -1.24 16.87
N GLU A 217 -5.97 -2.25 16.94
CA GLU A 217 -6.91 -2.52 15.87
C GLU A 217 -8.09 -1.56 15.87
N ASN A 218 -8.48 -1.15 17.07
CA ASN A 218 -9.68 -0.35 17.29
C ASN A 218 -9.37 1.14 17.38
N ASP A 219 -9.91 1.93 16.46
CA ASP A 219 -9.61 3.36 16.39
C ASP A 219 -10.07 4.13 17.64
N GLU A 220 -11.16 3.67 18.25
CA GLU A 220 -11.65 4.31 19.47
C GLU A 220 -10.68 4.14 20.64
N THR A 221 -10.15 2.92 20.78
CA THR A 221 -9.15 2.65 21.79
C THR A 221 -7.90 3.48 21.52
N ALA A 222 -7.53 3.59 20.25
CA ALA A 222 -6.40 4.45 19.85
C ALA A 222 -6.64 5.89 20.28
N LEU A 223 -7.86 6.35 20.11
CA LEU A 223 -8.25 7.72 20.47
C LEU A 223 -8.10 7.96 21.97
N ARG A 224 -8.61 7.00 22.75
CA ARG A 224 -8.49 7.06 24.21
C ARG A 224 -7.04 7.18 24.62
N MET A 225 -6.17 6.38 24.02
CA MET A 225 -4.76 6.40 24.37
C MET A 225 -4.11 7.72 23.96
N TYR A 226 -4.55 8.28 22.83
CA TYR A 226 -4.00 9.54 22.37
C TYR A 226 -4.37 10.61 23.39
N GLN A 227 -5.66 10.62 23.77
CA GLN A 227 -6.17 11.59 24.73
C GLN A 227 -5.42 11.49 26.07
N ALA A 228 -5.04 10.29 26.47
CA ALA A 228 -4.32 10.09 27.73
C ALA A 228 -2.83 10.38 27.60
N GLY A 229 -2.39 10.68 26.38
CA GLY A 229 -0.99 10.96 26.16
C GLY A 229 -0.10 9.72 26.05
N GLN A 230 -0.71 8.57 25.80
CA GLN A 230 0.04 7.33 25.60
C GLN A 230 0.55 7.20 24.15
N ILE A 231 -0.05 7.96 23.24
CA ILE A 231 0.29 7.91 21.82
C ILE A 231 0.46 9.34 21.32
N ASP A 232 1.40 9.58 20.41
CA ASP A 232 1.61 10.94 19.89
C ASP A 232 1.07 11.11 18.49
N TYR A 233 0.71 9.99 17.85
CA TYR A 233 0.56 9.93 16.40
C TYR A 233 -0.32 8.73 16.09
N THR A 234 -1.59 8.97 15.74
CA THR A 234 -2.50 7.86 15.48
C THR A 234 -2.44 7.43 14.02
N TYR A 235 -3.03 6.28 13.73
CA TYR A 235 -3.12 5.81 12.36
C TYR A 235 -4.16 6.61 11.59
N SER A 236 -5.35 6.76 12.18
CA SER A 236 -6.45 7.49 11.55
C SER A 236 -7.32 8.13 12.64
N ILE A 237 -8.61 8.27 12.35
CA ILE A 237 -9.59 8.64 13.38
C ILE A 237 -10.81 7.72 13.26
N PRO A 238 -11.58 7.57 14.35
CA PRO A 238 -12.76 6.71 14.28
C PRO A 238 -13.78 7.19 13.25
N ALA A 239 -14.42 6.27 12.56
CA ALA A 239 -15.50 6.60 11.64
C ALA A 239 -16.60 7.38 12.37
N GLY A 240 -17.16 8.39 11.70
CA GLY A 240 -18.22 9.20 12.25
C GLY A 240 -17.79 10.18 13.32
N GLY A 241 -16.49 10.23 13.61
CA GLY A 241 -15.99 11.03 14.72
C GLY A 241 -15.42 12.39 14.35
N PHE A 242 -15.24 12.66 13.06
CA PHE A 242 -14.61 13.90 12.63
C PHE A 242 -15.12 15.14 13.38
N GLY A 243 -16.44 15.25 13.51
CA GLY A 243 -17.05 16.40 14.15
C GLY A 243 -16.59 16.70 15.57
N GLN A 244 -16.70 15.71 16.44
CA GLN A 244 -16.35 15.89 17.85
C GLN A 244 -14.85 15.99 18.00
N ILE A 245 -14.12 15.21 17.20
CA ILE A 245 -12.67 15.20 17.26
C ILE A 245 -12.07 16.54 16.84
N SER A 246 -12.62 17.12 15.78
CA SER A 246 -12.16 18.40 15.29
C SER A 246 -12.33 19.48 16.36
N LYS A 247 -13.46 19.42 17.07
CA LYS A 247 -13.77 20.42 18.07
C LYS A 247 -12.81 20.29 19.26
N GLN A 248 -12.54 19.05 19.64
CA GLN A 248 -11.70 18.79 20.80
C GLN A 248 -10.20 18.95 20.54
N PHE A 249 -9.74 18.54 19.37
CA PHE A 249 -8.29 18.49 19.13
C PHE A 249 -7.79 19.52 18.10
N GLY A 250 -8.74 20.18 17.43
CA GLY A 250 -8.43 21.22 16.47
C GLY A 250 -7.40 20.82 15.42
N LYS A 251 -6.33 21.60 15.35
CA LYS A 251 -5.33 21.43 14.30
C LYS A 251 -4.43 20.21 14.48
N GLU A 252 -4.55 19.55 15.63
N GLU A 252 -4.52 19.55 15.63
CA GLU A 252 -3.91 18.24 15.81
CA GLU A 252 -3.86 18.25 15.77
C GLU A 252 -4.43 17.30 14.74
C GLU A 252 -4.46 17.24 14.79
N LEU A 253 -5.70 17.50 14.38
CA LEU A 253 -6.33 16.66 13.36
C LEU A 253 -5.76 17.08 12.01
N ARG A 254 -4.86 16.26 11.47
CA ARG A 254 -4.18 16.61 10.23
C ARG A 254 -4.98 16.08 9.04
N PRO A 255 -5.54 17.01 8.25
CA PRO A 255 -6.54 16.63 7.24
C PRO A 255 -5.94 16.45 5.85
N GLY A 256 -6.67 15.74 4.99
CA GLY A 256 -6.36 15.62 3.59
C GLY A 256 -6.84 14.30 3.02
N LEU A 257 -6.75 14.15 1.69
CA LEU A 257 -7.00 12.88 1.04
C LEU A 257 -5.66 12.23 0.68
N GLN A 258 -5.66 10.91 0.54
CA GLN A 258 -4.46 10.19 0.17
C GLN A 258 -4.57 9.62 -1.24
N LEU A 259 -3.44 9.25 -1.83
CA LEU A 259 -3.45 8.52 -3.10
C LEU A 259 -3.66 7.05 -2.77
N ALA A 260 -4.89 6.71 -2.39
CA ALA A 260 -5.18 5.39 -1.87
C ALA A 260 -6.67 5.10 -2.05
N THR A 261 -7.00 3.85 -2.37
CA THR A 261 -8.37 3.47 -2.70
C THR A 261 -8.86 2.33 -1.80
N TYR A 262 -10.05 2.52 -1.24
CA TYR A 262 -10.70 1.52 -0.39
C TYR A 262 -11.65 0.75 -1.30
N TYR A 263 -11.54 -0.57 -1.28
CA TYR A 263 -12.34 -1.39 -2.20
C TYR A 263 -12.55 -2.80 -1.70
N TYR A 264 -13.56 -3.46 -2.25
CA TYR A 264 -13.83 -4.84 -1.91
C TYR A 264 -13.26 -5.78 -2.96
N TYR A 265 -12.42 -6.67 -2.48
CA TYR A 265 -11.87 -7.77 -3.26
C TYR A 265 -13.02 -8.69 -3.61
N LEU A 266 -13.00 -9.20 -4.84
CA LEU A 266 -13.92 -10.25 -5.26
CA LEU A 266 -13.93 -10.24 -5.27
C LEU A 266 -13.12 -11.41 -5.84
N LYS A 267 -13.41 -12.61 -5.38
CA LYS A 267 -12.72 -13.80 -5.87
C LYS A 267 -13.17 -14.10 -7.28
N ASN A 268 -12.35 -13.76 -8.27
CA ASN A 268 -12.75 -13.86 -9.67
C ASN A 268 -12.91 -15.30 -10.18
N SER A 269 -12.39 -16.27 -9.43
CA SER A 269 -12.59 -17.67 -9.78
C SER A 269 -13.80 -18.27 -9.06
N ASP A 270 -14.49 -17.46 -8.26
CA ASP A 270 -15.72 -17.95 -7.63
C ASP A 270 -16.72 -18.30 -8.73
N PRO A 271 -17.48 -19.40 -8.54
CA PRO A 271 -18.44 -19.89 -9.53
C PRO A 271 -19.51 -18.85 -9.90
N ALA A 272 -19.84 -17.92 -8.99
CA ALA A 272 -20.76 -16.84 -9.31
C ALA A 272 -20.03 -15.53 -9.63
N LEU A 273 -19.00 -15.23 -8.84
CA LEU A 273 -18.27 -13.97 -9.01
C LEU A 273 -17.42 -13.96 -10.28
N LYS A 274 -17.22 -15.14 -10.87
CA LYS A 274 -16.52 -15.21 -12.15
C LYS A 274 -17.34 -14.55 -13.27
N ASP A 275 -18.63 -14.36 -13.03
CA ASP A 275 -19.49 -13.73 -14.03
C ASP A 275 -19.52 -12.21 -13.83
N LYS A 276 -19.00 -11.49 -14.81
CA LYS A 276 -18.94 -10.02 -14.78
C LYS A 276 -20.28 -9.38 -14.45
N ARG A 277 -21.37 -9.99 -14.88
CA ARG A 277 -22.70 -9.44 -14.62
C ARG A 277 -23.04 -9.45 -13.12
N VAL A 278 -22.62 -10.51 -12.42
CA VAL A 278 -22.82 -10.57 -10.98
C VAL A 278 -21.97 -9.51 -10.25
N ARG A 279 -20.70 -9.40 -10.63
CA ARG A 279 -19.80 -8.43 -10.00
C ARG A 279 -20.32 -7.00 -10.17
N GLU A 280 -20.74 -6.70 -11.39
CA GLU A 280 -21.29 -5.40 -11.75
C GLU A 280 -22.54 -5.08 -10.94
N ALA A 281 -23.45 -6.04 -10.84
CA ALA A 281 -24.67 -5.86 -10.05
C ALA A 281 -24.35 -5.49 -8.60
N LEU A 282 -23.40 -6.20 -8.00
CA LEU A 282 -23.03 -5.95 -6.62
C LEU A 282 -22.47 -4.54 -6.47
N ALA A 283 -21.70 -4.11 -7.46
CA ALA A 283 -21.08 -2.79 -7.42
C ALA A 283 -22.08 -1.64 -7.55
N MET A 284 -23.04 -1.78 -8.46
CA MET A 284 -23.88 -0.65 -8.83
C MET A 284 -24.98 -0.34 -7.82
N VAL A 285 -25.27 -1.29 -6.93
CA VAL A 285 -26.31 -1.08 -5.95
C VAL A 285 -25.86 -0.32 -4.68
N LEU A 286 -24.57 -0.38 -4.37
CA LEU A 286 -24.04 0.29 -3.18
C LEU A 286 -24.06 1.83 -3.31
N ASP A 287 -24.66 2.49 -2.32
CA ASP A 287 -24.76 3.94 -2.31
C ASP A 287 -23.53 4.55 -1.62
N ARG A 288 -22.54 4.95 -2.41
CA ARG A 288 -21.27 5.44 -1.87
C ARG A 288 -21.40 6.86 -1.33
N GLU A 289 -22.47 7.55 -1.72
CA GLU A 289 -22.73 8.88 -1.24
C GLU A 289 -23.15 8.82 0.23
N ILE A 290 -24.09 7.94 0.53
CA ILE A 290 -24.51 7.69 1.90
C ILE A 290 -23.37 7.12 2.74
N LEU A 291 -22.62 6.18 2.15
CA LEU A 291 -21.48 5.57 2.81
C LEU A 291 -20.53 6.63 3.34
N THR A 292 -20.16 7.57 2.47
CA THR A 292 -19.17 8.58 2.83
C THR A 292 -19.72 9.72 3.69
N SER A 293 -20.92 10.19 3.38
CA SER A 293 -21.48 11.34 4.08
CA SER A 293 -21.49 11.34 4.08
C SER A 293 -22.03 10.97 5.45
N LYS A 294 -22.51 9.74 5.59
CA LYS A 294 -23.19 9.33 6.82
C LYS A 294 -22.44 8.31 7.69
N ILE A 295 -21.58 7.51 7.08
CA ILE A 295 -20.88 6.48 7.83
C ILE A 295 -19.41 6.83 8.12
N THR A 296 -18.63 7.08 7.07
CA THR A 296 -17.21 7.38 7.25
C THR A 296 -17.01 8.82 7.75
N GLN A 297 -17.57 9.78 7.03
CA GLN A 297 -17.66 11.17 7.47
C GLN A 297 -16.33 11.89 7.68
N ALA A 298 -15.28 11.37 7.07
CA ALA A 298 -13.97 11.99 7.22
C ALA A 298 -13.48 12.60 5.91
N GLY A 299 -14.42 12.97 5.04
CA GLY A 299 -14.08 13.57 3.76
C GLY A 299 -13.84 12.59 2.62
N GLU A 300 -14.03 11.30 2.87
CA GLU A 300 -13.82 10.29 1.83
C GLU A 300 -14.65 10.60 0.58
N VAL A 301 -14.08 10.36 -0.59
CA VAL A 301 -14.75 10.66 -1.86
C VAL A 301 -15.19 9.38 -2.59
N PRO A 302 -16.48 9.29 -2.97
CA PRO A 302 -16.93 8.09 -3.68
C PRO A 302 -16.02 7.74 -4.86
N MET A 303 -15.72 6.46 -5.03
CA MET A 303 -14.89 6.00 -6.14
C MET A 303 -15.53 4.80 -6.85
N TYR A 304 -15.30 4.71 -8.16
CA TYR A 304 -15.88 3.65 -8.98
C TYR A 304 -14.81 2.82 -9.67
N GLY A 305 -13.58 3.33 -9.69
CA GLY A 305 -12.44 2.62 -10.22
C GLY A 305 -11.27 2.67 -9.25
N LEU A 306 -10.08 2.29 -9.72
CA LEU A 306 -8.89 2.22 -8.88
C LEU A 306 -8.11 3.53 -8.78
N MET A 307 -8.19 4.35 -9.84
CA MET A 307 -7.40 5.58 -9.90
C MET A 307 -8.05 6.72 -9.11
N PRO A 308 -7.38 7.18 -8.03
CA PRO A 308 -7.89 8.34 -7.30
C PRO A 308 -7.74 9.59 -8.18
N LYS A 309 -8.68 10.52 -8.09
CA LYS A 309 -8.53 11.77 -8.82
C LYS A 309 -7.20 12.42 -8.39
N GLY A 310 -6.40 12.85 -9.36
CA GLY A 310 -5.15 13.51 -9.04
C GLY A 310 -3.89 12.70 -9.27
N VAL A 311 -4.02 11.38 -9.39
CA VAL A 311 -2.85 10.55 -9.63
C VAL A 311 -2.28 10.80 -11.03
N LYS A 312 -0.97 10.94 -11.13
CA LYS A 312 -0.31 11.17 -12.41
C LYS A 312 -0.42 9.96 -13.35
N GLY A 313 -0.44 10.20 -14.65
CA GLY A 313 -0.44 9.12 -15.62
C GLY A 313 -1.79 8.75 -16.22
N VAL A 314 -2.89 9.19 -15.64
CA VAL A 314 -4.19 9.06 -16.30
C VAL A 314 -4.87 10.43 -16.41
N GLN A 315 -5.82 10.54 -17.33
CA GLN A 315 -6.44 11.84 -17.58
C GLN A 315 -7.50 12.15 -16.53
N ARG A 316 -8.09 11.11 -15.95
CA ARG A 316 -9.23 11.25 -15.08
C ARG A 316 -9.60 9.90 -14.50
N PRO A 317 -10.35 9.91 -13.40
CA PRO A 317 -10.79 8.62 -12.83
C PRO A 317 -11.85 7.98 -13.71
N PHE A 318 -12.25 6.77 -13.33
CA PHE A 318 -13.30 6.05 -14.01
C PHE A 318 -14.65 6.35 -13.34
N THR A 319 -15.59 6.86 -14.12
CA THR A 319 -16.93 7.13 -13.62
C THR A 319 -17.96 6.48 -14.53
N PRO A 320 -18.56 5.39 -14.06
CA PRO A 320 -19.54 4.64 -14.85
C PRO A 320 -20.84 5.40 -15.06
N ASP A 321 -21.47 5.06 -16.18
CA ASP A 321 -22.77 5.56 -16.56
C ASP A 321 -23.75 5.65 -15.40
N TRP A 322 -23.87 4.55 -14.66
CA TRP A 322 -24.90 4.42 -13.63
C TRP A 322 -24.65 5.25 -12.37
N ALA A 323 -23.47 5.86 -12.26
CA ALA A 323 -23.16 6.70 -11.11
C ALA A 323 -24.16 7.85 -10.98
N SER A 324 -24.78 8.21 -12.10
CA SER A 324 -25.71 9.35 -12.10
C SER A 324 -27.17 8.90 -12.28
N TRP A 325 -27.41 7.61 -12.11
CA TRP A 325 -28.77 7.07 -12.22
C TRP A 325 -29.52 7.14 -10.89
N PRO A 326 -30.84 7.37 -10.96
CA PRO A 326 -31.69 7.19 -9.79
C PRO A 326 -31.43 5.81 -9.20
N MET A 327 -31.44 5.69 -7.88
CA MET A 327 -31.15 4.41 -7.26
C MET A 327 -32.10 3.31 -7.74
N ALA A 328 -33.39 3.65 -7.83
CA ALA A 328 -34.40 2.69 -8.28
C ALA A 328 -34.02 2.06 -9.62
N ARG A 329 -33.53 2.90 -10.53
CA ARG A 329 -33.03 2.45 -11.82
C ARG A 329 -31.76 1.60 -11.66
N ARG A 330 -30.89 2.01 -10.75
CA ARG A 330 -29.69 1.22 -10.45
C ARG A 330 -30.07 -0.19 -10.05
N VAL A 331 -31.02 -0.28 -9.11
CA VAL A 331 -31.43 -1.56 -8.55
C VAL A 331 -32.12 -2.47 -9.59
N ASP A 332 -33.03 -1.89 -10.37
CA ASP A 332 -33.69 -2.64 -11.45
C ASP A 332 -32.66 -3.22 -12.43
N TYR A 333 -31.75 -2.38 -12.89
CA TYR A 333 -30.73 -2.83 -13.82
C TYR A 333 -29.91 -3.96 -13.19
N ALA A 334 -29.54 -3.79 -11.92
CA ALA A 334 -28.69 -4.78 -11.25
C ALA A 334 -29.41 -6.11 -11.04
N LYS A 335 -30.67 -6.06 -10.62
CA LYS A 335 -31.48 -7.27 -10.50
C LYS A 335 -31.59 -8.02 -11.83
N ASN A 336 -31.74 -7.27 -12.92
CA ASN A 336 -31.81 -7.88 -14.23
CA ASN A 336 -31.81 -7.87 -14.25
C ASN A 336 -30.48 -8.53 -14.63
N LEU A 337 -29.38 -7.92 -14.20
CA LEU A 337 -28.07 -8.51 -14.42
C LEU A 337 -27.98 -9.86 -13.73
N LEU A 338 -28.44 -9.93 -12.48
CA LEU A 338 -28.40 -11.18 -11.73
C LEU A 338 -29.25 -12.23 -12.45
N LYS A 339 -30.41 -11.81 -12.93
CA LYS A 339 -31.29 -12.69 -13.68
C LYS A 339 -30.59 -13.18 -14.94
N GLN A 340 -30.03 -12.25 -15.70
CA GLN A 340 -29.30 -12.59 -16.92
C GLN A 340 -28.20 -13.61 -16.61
N ALA A 341 -27.59 -13.51 -15.44
CA ALA A 341 -26.48 -14.39 -15.07
C ALA A 341 -26.95 -15.72 -14.50
N GLY A 342 -28.26 -15.90 -14.40
CA GLY A 342 -28.81 -17.14 -13.88
C GLY A 342 -28.91 -17.17 -12.36
N HIS A 343 -28.89 -16.00 -11.75
CA HIS A 343 -29.05 -15.89 -10.30
C HIS A 343 -30.22 -15.00 -9.91
N GLY A 344 -31.36 -15.24 -10.55
CA GLY A 344 -32.60 -14.58 -10.19
C GLY A 344 -33.16 -15.17 -8.90
N ASP A 345 -34.43 -14.88 -8.65
CA ASP A 345 -35.08 -15.37 -7.44
C ASP A 345 -35.06 -16.89 -7.33
N ALA A 346 -34.88 -17.57 -8.45
CA ALA A 346 -34.83 -19.03 -8.44
C ALA A 346 -33.49 -19.57 -7.93
N ASN A 347 -32.48 -18.71 -7.86
CA ASN A 347 -31.14 -19.16 -7.47
C ASN A 347 -30.37 -18.14 -6.62
N PRO A 348 -30.89 -17.84 -5.42
CA PRO A 348 -30.35 -16.77 -4.57
C PRO A 348 -28.88 -16.95 -4.23
N LEU A 349 -28.17 -15.82 -4.07
CA LEU A 349 -26.75 -15.86 -3.77
C LEU A 349 -26.45 -15.62 -2.30
N THR A 350 -25.55 -16.42 -1.75
CA THR A 350 -25.00 -16.17 -0.43
C THR A 350 -23.48 -16.14 -0.49
N PHE A 351 -22.89 -15.08 0.08
CA PHE A 351 -21.44 -14.96 0.17
C PHE A 351 -20.98 -14.72 1.59
N THR A 352 -19.71 -15.00 1.86
CA THR A 352 -19.10 -14.57 3.12
C THR A 352 -18.30 -13.30 2.85
N LEU A 353 -18.50 -12.29 3.70
CA LEU A 353 -17.77 -11.02 3.58
C LEU A 353 -16.74 -10.91 4.71
N THR A 354 -15.48 -11.04 4.36
CA THR A 354 -14.43 -11.05 5.37
C THR A 354 -13.71 -9.70 5.45
N TYR A 355 -13.49 -9.21 6.67
CA TYR A 355 -12.72 -7.97 6.86
C TYR A 355 -11.80 -8.12 8.07
N ASN A 356 -10.79 -7.25 8.16
CA ASN A 356 -9.90 -7.28 9.32
C ASN A 356 -10.48 -6.49 10.47
N THR A 357 -10.47 -7.10 11.65
CA THR A 357 -11.07 -6.53 12.86
C THR A 357 -10.73 -5.05 13.03
N ASN A 358 -11.78 -4.23 13.04
CA ASN A 358 -11.68 -2.77 13.14
C ASN A 358 -13.07 -2.14 13.07
N ASP A 359 -13.30 -1.04 13.78
CA ASP A 359 -14.64 -0.47 13.85
C ASP A 359 -15.11 0.16 12.53
N LEU A 360 -14.23 0.87 11.83
CA LEU A 360 -14.63 1.39 10.51
C LEU A 360 -14.99 0.25 9.55
N HIS A 361 -14.13 -0.75 9.45
CA HIS A 361 -14.35 -1.84 8.49
C HIS A 361 -15.64 -2.57 8.79
N LYS A 362 -15.93 -2.76 10.08
CA LYS A 362 -17.16 -3.41 10.48
C LYS A 362 -18.38 -2.60 10.03
N LYS A 363 -18.33 -1.28 10.26
CA LYS A 363 -19.42 -0.40 9.87
C LYS A 363 -19.65 -0.42 8.36
N VAL A 364 -18.57 -0.33 7.60
CA VAL A 364 -18.67 -0.39 6.14
C VAL A 364 -19.27 -1.73 5.69
N ALA A 365 -18.81 -2.81 6.30
CA ALA A 365 -19.30 -4.15 5.95
C ALA A 365 -20.78 -4.34 6.27
N LEU A 366 -21.23 -3.88 7.44
CA LEU A 366 -22.64 -3.93 7.80
C LEU A 366 -23.49 -3.16 6.79
N PHE A 367 -22.95 -2.04 6.32
CA PHE A 367 -23.64 -1.25 5.31
C PHE A 367 -23.78 -2.02 4.00
N ALA A 368 -22.68 -2.57 3.51
CA ALA A 368 -22.71 -3.37 2.28
C ALA A 368 -23.70 -4.52 2.38
N ALA A 369 -23.62 -5.26 3.48
CA ALA A 369 -24.53 -6.38 3.71
C ALA A 369 -25.99 -5.96 3.60
N SER A 370 -26.36 -4.86 4.26
CA SER A 370 -27.76 -4.44 4.27
C SER A 370 -28.18 -3.95 2.88
N GLU A 371 -27.28 -3.22 2.24
CA GLU A 371 -27.49 -2.74 0.89
C GLU A 371 -27.79 -3.92 -0.06
N TRP A 372 -26.94 -4.94 0.00
CA TRP A 372 -27.09 -6.11 -0.87
C TRP A 372 -28.35 -6.92 -0.53
N ARG A 373 -28.66 -7.00 0.76
N ARG A 373 -28.65 -7.05 0.76
CA ARG A 373 -29.81 -7.77 1.23
CA ARG A 373 -29.85 -7.77 1.17
C ARG A 373 -31.14 -7.11 0.85
C ARG A 373 -31.09 -7.05 0.65
N THR A 374 -31.24 -5.81 1.06
CA THR A 374 -32.48 -5.07 0.79
C THR A 374 -32.67 -4.74 -0.69
N LYS A 375 -31.58 -4.59 -1.44
CA LYS A 375 -31.71 -4.19 -2.84
C LYS A 375 -31.64 -5.36 -3.83
N LEU A 376 -30.97 -6.43 -3.46
CA LEU A 376 -30.77 -7.54 -4.40
C LEU A 376 -31.20 -8.87 -3.82
N GLY A 377 -31.47 -8.90 -2.52
CA GLY A 377 -31.77 -10.16 -1.86
C GLY A 377 -30.55 -11.06 -1.81
N VAL A 378 -29.37 -10.45 -1.90
CA VAL A 378 -28.12 -11.20 -1.78
CA VAL A 378 -28.11 -11.18 -1.78
C VAL A 378 -27.65 -11.19 -0.32
N THR A 379 -27.27 -12.36 0.16
CA THR A 379 -26.87 -12.49 1.56
C THR A 379 -25.35 -12.50 1.71
N ALA A 380 -24.83 -11.54 2.46
CA ALA A 380 -23.41 -11.51 2.78
C ALA A 380 -23.21 -11.69 4.28
N LYS A 381 -22.60 -12.80 4.66
CA LYS A 381 -22.34 -13.10 6.07
C LYS A 381 -20.99 -12.51 6.48
N LEU A 382 -20.98 -11.73 7.56
CA LEU A 382 -19.78 -11.03 8.00
C LEU A 382 -18.86 -11.93 8.81
N GLU A 383 -17.57 -11.76 8.62
CA GLU A 383 -16.55 -12.53 9.32
C GLU A 383 -15.34 -11.63 9.50
N ASN A 384 -14.83 -11.54 10.72
CA ASN A 384 -13.68 -10.67 11.01
C ASN A 384 -12.45 -11.49 11.37
N VAL A 385 -11.30 -11.12 10.80
CA VAL A 385 -10.04 -11.78 11.11
C VAL A 385 -8.93 -10.77 11.30
N GLU A 386 -7.80 -11.24 11.84
CA GLU A 386 -6.59 -10.43 11.93
C GLU A 386 -6.10 -10.05 10.53
N PHE A 387 -5.54 -8.86 10.40
CA PHE A 387 -5.11 -8.36 9.08
C PHE A 387 -4.12 -9.28 8.37
N LYS A 388 -3.14 -9.82 9.09
CA LYS A 388 -2.15 -10.72 8.50
C LYS A 388 -2.82 -11.94 7.88
N VAL A 389 -3.84 -12.44 8.57
CA VAL A 389 -4.61 -13.59 8.08
C VAL A 389 -5.42 -13.19 6.85
N LEU A 390 -6.04 -12.03 6.91
CA LEU A 390 -6.82 -11.54 5.78
C LEU A 390 -5.93 -11.47 4.54
N MET A 391 -4.73 -10.90 4.69
CA MET A 391 -3.83 -10.78 3.55
CA MET A 391 -3.78 -10.78 3.58
C MET A 391 -3.54 -12.14 2.93
N LYS A 392 -3.24 -13.13 3.76
CA LYS A 392 -2.97 -14.48 3.28
C LYS A 392 -4.19 -15.08 2.61
N GLN A 393 -5.35 -14.91 3.23
CA GLN A 393 -6.58 -15.46 2.65
C GLN A 393 -6.87 -14.90 1.26
N ARG A 394 -6.65 -13.60 1.07
CA ARG A 394 -6.86 -12.98 -0.24
C ARG A 394 -5.88 -13.54 -1.28
N HIS A 395 -4.61 -13.67 -0.91
CA HIS A 395 -3.63 -14.28 -1.83
C HIS A 395 -4.06 -15.68 -2.25
N ASP A 396 -4.62 -16.44 -1.29
CA ASP A 396 -4.93 -17.85 -1.52
C ASP A 396 -6.35 -18.04 -2.02
N GLY A 397 -7.07 -16.92 -2.20
CA GLY A 397 -8.45 -16.99 -2.64
C GLY A 397 -9.35 -17.77 -1.70
N LYS A 398 -9.08 -17.73 -0.39
CA LYS A 398 -9.90 -18.44 0.59
C LYS A 398 -11.04 -17.59 1.16
N VAL A 399 -11.25 -16.43 0.54
CA VAL A 399 -12.35 -15.53 0.90
C VAL A 399 -13.05 -15.15 -0.41
N GLN A 400 -14.33 -14.82 -0.32
CA GLN A 400 -15.14 -14.55 -1.52
C GLN A 400 -15.24 -13.05 -1.79
N ILE A 401 -15.72 -12.31 -0.80
CA ILE A 401 -15.72 -10.85 -0.83
C ILE A 401 -14.92 -10.44 0.38
N ALA A 402 -13.98 -9.51 0.20
CA ALA A 402 -13.08 -9.15 1.30
C ALA A 402 -12.74 -7.66 1.32
N ARG A 403 -12.64 -7.10 2.52
CA ARG A 403 -12.19 -5.74 2.68
C ARG A 403 -10.75 -5.64 2.14
N ASP A 404 -10.51 -4.65 1.29
CA ASP A 404 -9.17 -4.44 0.73
C ASP A 404 -8.92 -2.94 0.57
N GLY A 405 -7.75 -2.58 0.05
CA GLY A 405 -7.37 -1.18 -0.09
C GLY A 405 -5.92 -1.10 -0.50
N TRP A 406 -5.59 -0.13 -1.36
CA TRP A 406 -4.24 0.00 -1.89
C TRP A 406 -3.76 1.44 -1.77
N PHE A 407 -2.57 1.62 -1.19
CA PHE A 407 -1.88 2.90 -1.14
C PHE A 407 -0.86 2.93 -2.27
N ALA A 408 -0.84 4.03 -3.03
CA ALA A 408 0.13 4.17 -4.10
C ALA A 408 1.55 3.99 -3.56
N ASP A 409 2.41 3.27 -4.29
CA ASP A 409 3.82 3.11 -3.91
C ASP A 409 4.65 4.25 -4.49
N TYR A 410 4.06 4.97 -5.43
CA TYR A 410 4.70 6.08 -6.12
C TYR A 410 3.61 6.79 -6.89
N ASN A 411 3.87 8.03 -7.29
CA ASN A 411 2.80 8.84 -7.87
C ASN A 411 2.70 8.66 -9.37
N ASP A 412 2.22 7.48 -9.77
CA ASP A 412 1.92 7.22 -11.17
C ASP A 412 0.88 6.11 -11.25
N ALA A 413 0.04 6.18 -12.27
CA ALA A 413 -1.07 5.24 -12.41
C ALA A 413 -0.62 3.78 -12.39
N MET A 414 0.63 3.52 -12.76
CA MET A 414 1.15 2.16 -12.83
C MET A 414 1.02 1.40 -11.51
N THR A 415 1.10 2.10 -10.38
CA THR A 415 1.03 1.41 -9.09
C THR A 415 -0.33 0.73 -8.91
N PHE A 416 -1.38 1.31 -9.47
CA PHE A 416 -2.71 0.73 -9.33
C PHE A 416 -2.93 -0.41 -10.32
N PHE A 417 -2.25 -0.33 -11.46
CA PHE A 417 -2.28 -1.45 -12.41
C PHE A 417 -1.69 -2.74 -11.82
N ASP A 418 -0.85 -2.62 -10.78
CA ASP A 418 -0.33 -3.81 -10.09
C ASP A 418 -1.45 -4.67 -9.50
N LEU A 419 -2.65 -4.09 -9.37
CA LEU A 419 -3.79 -4.83 -8.82
C LEU A 419 -4.55 -5.67 -9.86
N ILE A 420 -4.35 -5.38 -11.14
CA ILE A 420 -5.17 -5.99 -12.17
C ILE A 420 -4.41 -6.58 -13.36
N ARG A 421 -3.10 -6.34 -13.43
CA ARG A 421 -2.27 -6.94 -14.49
C ARG A 421 -2.20 -8.45 -14.34
N CYS A 422 -2.33 -9.17 -15.46
CA CYS A 422 -2.24 -10.63 -15.45
C CYS A 422 -0.97 -11.08 -14.73
N GLY A 423 -1.11 -11.97 -13.76
CA GLY A 423 0.06 -12.56 -13.14
C GLY A 423 0.81 -11.70 -12.12
N SER A 424 0.38 -10.47 -11.89
CA SER A 424 1.02 -9.63 -10.89
C SER A 424 0.93 -10.27 -9.50
N SER A 425 2.00 -10.12 -8.71
CA SER A 425 2.03 -10.72 -7.37
C SER A 425 1.00 -10.08 -6.43
N GLN A 426 0.51 -8.90 -6.77
CA GLN A 426 -0.49 -8.24 -5.92
C GLN A 426 -1.87 -8.18 -6.60
N ASN A 427 -2.01 -8.90 -7.70
CA ASN A 427 -3.32 -9.14 -8.31
C ASN A 427 -3.94 -10.33 -7.59
N THR A 428 -4.61 -10.06 -6.46
CA THR A 428 -5.14 -11.12 -5.64
C THR A 428 -6.56 -11.55 -6.08
N VAL A 429 -7.31 -10.65 -6.72
CA VAL A 429 -8.65 -11.02 -7.20
C VAL A 429 -8.60 -12.05 -8.34
N GLY A 430 -7.45 -12.10 -9.02
CA GLY A 430 -7.23 -13.11 -10.05
C GLY A 430 -7.76 -12.69 -11.40
N TYR A 431 -7.71 -11.39 -11.68
CA TYR A 431 -8.23 -10.87 -12.94
C TYR A 431 -7.15 -10.97 -13.99
N CYS A 432 -7.55 -11.20 -15.24
CA CYS A 432 -6.60 -11.20 -16.35
C CYS A 432 -7.26 -10.80 -17.66
N ASN A 433 -6.91 -9.63 -18.15
CA ASN A 433 -7.40 -9.16 -19.44
C ASN A 433 -6.24 -8.70 -20.32
N PRO A 434 -5.80 -9.60 -21.22
CA PRO A 434 -4.64 -9.40 -22.11
C PRO A 434 -4.73 -8.08 -22.89
N LYS A 435 -5.93 -7.67 -23.27
CA LYS A 435 -6.09 -6.40 -23.96
C LYS A 435 -5.69 -5.24 -23.03
N VAL A 436 -6.20 -5.26 -21.80
CA VAL A 436 -5.77 -4.26 -20.82
C VAL A 436 -4.25 -4.26 -20.72
N ASP A 437 -3.66 -5.44 -20.52
CA ASP A 437 -2.21 -5.55 -20.38
C ASP A 437 -1.48 -5.01 -21.61
N SER A 438 -1.98 -5.31 -22.80
CA SER A 438 -1.28 -4.87 -24.02
C SER A 438 -1.40 -3.36 -24.18
N LEU A 439 -2.55 -2.81 -23.79
CA LEU A 439 -2.72 -1.36 -23.80
C LEU A 439 -1.72 -0.67 -22.87
N VAL A 440 -1.49 -1.27 -21.71
CA VAL A 440 -0.52 -0.70 -20.76
C VAL A 440 0.90 -0.74 -21.33
N ALA A 441 1.29 -1.88 -21.88
CA ALA A 441 2.62 -2.04 -22.46
C ALA A 441 2.83 -1.02 -23.58
N GLU A 442 1.78 -0.81 -24.37
CA GLU A 442 1.80 0.18 -25.43
C GLU A 442 1.99 1.59 -24.86
N ALA A 443 1.17 1.94 -23.86
CA ALA A 443 1.26 3.25 -23.23
C ALA A 443 2.67 3.54 -22.75
N ASN A 444 3.38 2.51 -22.30
CA ASN A 444 4.71 2.70 -21.74
C ASN A 444 5.79 2.80 -22.80
N GLN A 445 5.39 2.67 -24.07
CA GLN A 445 6.30 2.89 -25.18
C GLN A 445 6.17 4.32 -25.69
N LYS A 446 5.02 4.93 -25.43
CA LYS A 446 4.77 6.29 -25.89
C LYS A 446 5.85 7.23 -25.38
N LEU A 447 6.31 8.11 -26.25
CA LEU A 447 7.35 9.07 -25.90
C LEU A 447 6.73 10.29 -25.25
N ASP A 448 5.49 10.56 -25.60
CA ASP A 448 4.75 11.69 -25.05
C ASP A 448 3.95 11.26 -23.82
N ASP A 449 4.01 12.05 -22.75
CA ASP A 449 3.24 11.77 -21.55
C ASP A 449 1.73 11.82 -21.83
N GLY A 450 1.32 12.78 -22.67
CA GLY A 450 -0.08 12.91 -23.02
C GLY A 450 -0.60 11.65 -23.69
N ALA A 451 0.17 11.14 -24.65
CA ALA A 451 -0.19 9.91 -25.35
C ALA A 451 -0.23 8.73 -24.39
N ARG A 452 0.79 8.62 -23.54
CA ARG A 452 0.84 7.59 -22.53
C ARG A 452 -0.43 7.64 -21.69
N ALA A 453 -0.76 8.83 -21.18
CA ALA A 453 -1.91 8.99 -20.29
C ALA A 453 -3.21 8.51 -20.94
N ALA A 454 -3.39 8.88 -22.20
CA ALA A 454 -4.59 8.53 -22.94
C ALA A 454 -4.75 7.00 -22.96
N LEU A 455 -3.67 6.30 -23.28
CA LEU A 455 -3.70 4.85 -23.34
C LEU A 455 -3.92 4.21 -21.95
N LEU A 456 -3.32 4.79 -20.91
CA LEU A 456 -3.51 4.24 -19.57
C LEU A 456 -4.95 4.45 -19.10
N THR A 457 -5.54 5.58 -19.49
CA THR A 457 -6.92 5.89 -19.14
C THR A 457 -7.83 4.89 -19.85
N GLN A 458 -7.55 4.64 -21.13
CA GLN A 458 -8.34 3.68 -21.90
C GLN A 458 -8.25 2.29 -21.27
N ALA A 459 -7.04 1.87 -20.91
CA ALA A 459 -6.84 0.58 -20.25
C ALA A 459 -7.54 0.49 -18.88
N HIS A 460 -7.46 1.55 -18.08
CA HIS A 460 -8.12 1.54 -16.77
C HIS A 460 -9.63 1.40 -16.94
N ASP A 461 -10.23 2.26 -17.77
CA ASP A 461 -11.66 2.19 -18.07
C ASP A 461 -12.06 0.79 -18.54
N LEU A 462 -11.27 0.22 -19.44
CA LEU A 462 -11.58 -1.10 -19.98
C LEU A 462 -11.65 -2.13 -18.86
N ALA A 463 -10.66 -2.12 -17.99
CA ALA A 463 -10.64 -3.03 -16.84
C ALA A 463 -11.84 -2.82 -15.90
N MET A 464 -12.15 -1.56 -15.58
CA MET A 464 -13.21 -1.30 -14.60
C MET A 464 -14.60 -1.66 -15.13
N ASN A 465 -14.77 -1.64 -16.45
CA ASN A 465 -16.02 -2.09 -17.05
C ASN A 465 -16.25 -3.58 -16.81
N ASP A 466 -15.19 -4.27 -16.41
CA ASP A 466 -15.28 -5.69 -16.03
C ASP A 466 -15.56 -5.87 -14.53
N TYR A 467 -15.49 -4.78 -13.77
CA TYR A 467 -15.73 -4.83 -12.31
C TYR A 467 -15.01 -5.99 -11.62
N PRO A 468 -13.69 -6.10 -11.84
CA PRO A 468 -12.89 -7.15 -11.21
C PRO A 468 -12.88 -7.03 -9.68
N MET A 469 -13.09 -5.82 -9.17
CA MET A 469 -13.30 -5.59 -7.74
C MET A 469 -14.30 -4.46 -7.56
N VAL A 470 -14.58 -4.06 -6.33
CA VAL A 470 -15.59 -3.03 -6.08
C VAL A 470 -15.03 -1.84 -5.33
N PRO A 471 -14.56 -0.83 -6.07
CA PRO A 471 -14.07 0.40 -5.44
C PRO A 471 -15.18 1.09 -4.68
N LEU A 472 -14.86 1.64 -3.50
CA LEU A 472 -15.86 2.30 -2.67
C LEU A 472 -15.59 3.79 -2.49
N PHE A 473 -14.38 4.14 -2.04
CA PHE A 473 -14.04 5.55 -1.88
C PHE A 473 -12.54 5.77 -1.78
N GLN A 474 -12.14 7.03 -1.89
CA GLN A 474 -10.75 7.42 -1.72
C GLN A 474 -10.47 7.58 -0.24
N TYR A 475 -9.40 6.97 0.24
CA TYR A 475 -8.99 7.09 1.65
C TYR A 475 -8.81 8.55 2.06
N SER A 476 -9.22 8.86 3.28
CA SER A 476 -8.93 10.13 3.93
C SER A 476 -7.66 9.98 4.76
N ALA A 477 -6.80 11.01 4.73
CA ALA A 477 -5.52 10.99 5.44
C ALA A 477 -5.65 11.45 6.90
N ASP A 478 -6.87 11.82 7.29
CA ASP A 478 -7.15 12.36 8.61
C ASP A 478 -6.58 11.50 9.74
N ARG A 479 -5.77 12.14 10.59
CA ARG A 479 -5.25 11.48 11.77
C ARG A 479 -4.89 12.54 12.82
N LEU A 480 -4.67 12.10 14.06
CA LEU A 480 -4.28 13.00 15.15
CA LEU A 480 -4.28 13.00 15.14
C LEU A 480 -2.78 12.91 15.39
N VAL A 481 -2.13 14.06 15.40
CA VAL A 481 -0.70 14.15 15.69
C VAL A 481 -0.52 15.32 16.66
N LYS A 482 0.12 15.06 17.79
CA LYS A 482 0.24 16.05 18.86
C LYS A 482 0.87 17.37 18.38
N SER A 483 0.45 18.48 18.98
CA SER A 483 0.96 19.80 18.62
C SER A 483 2.47 19.93 18.82
N TYR A 484 3.04 19.14 19.73
CA TYR A 484 4.48 19.18 19.94
C TYR A 484 5.30 18.33 18.95
N VAL A 485 4.62 17.66 18.02
CA VAL A 485 5.33 16.92 16.96
C VAL A 485 5.57 17.79 15.74
N GLY A 486 6.82 18.17 15.52
CA GLY A 486 7.16 19.07 14.41
C GLY A 486 7.58 18.32 13.14
N GLY A 487 7.52 19.02 12.01
CA GLY A 487 7.94 18.46 10.73
C GLY A 487 6.84 17.83 9.86
N TYR A 488 5.65 17.68 10.41
CA TYR A 488 4.54 17.04 9.67
C TYR A 488 4.05 17.99 8.57
N THR A 489 3.88 17.47 7.35
CA THR A 489 3.32 18.29 6.27
C THR A 489 2.04 17.67 5.74
N LEU A 490 1.30 18.43 4.95
CA LEU A 490 0.04 17.93 4.40
C LEU A 490 0.17 17.58 2.93
N THR A 491 1.41 17.40 2.47
CA THR A 491 1.66 17.17 1.05
C THR A 491 2.25 15.78 0.73
N ASN A 492 2.44 14.95 1.76
CA ASN A 492 2.90 13.57 1.58
C ASN A 492 1.72 12.65 1.19
N TYR A 493 1.34 12.70 -0.08
CA TYR A 493 0.12 12.06 -0.55
C TYR A 493 0.10 10.52 -0.52
N ILE A 494 1.27 9.89 -0.45
CA ILE A 494 1.26 8.43 -0.30
C ILE A 494 1.45 8.02 1.14
N ASP A 495 1.47 9.01 2.03
CA ASP A 495 1.54 8.77 3.47
C ASP A 495 2.73 7.88 3.88
N MET A 496 3.89 8.17 3.32
CA MET A 496 5.12 7.50 3.73
CA MET A 496 5.12 7.51 3.74
C MET A 496 5.95 8.49 4.56
N ARG A 497 5.65 8.54 5.84
CA ARG A 497 6.22 9.55 6.72
C ARG A 497 7.14 8.91 7.76
N ALA A 498 8.44 9.01 7.51
CA ALA A 498 9.45 8.38 8.34
C ALA A 498 9.65 9.15 9.64
N SER A 499 9.98 8.42 10.70
CA SER A 499 10.21 9.07 11.98
C SER A 499 11.40 10.06 11.98
N GLN A 500 12.43 9.78 11.18
CA GLN A 500 13.63 10.61 11.20
C GLN A 500 13.39 12.03 10.66
N ASP A 501 12.27 12.22 9.98
CA ASP A 501 11.97 13.54 9.41
C ASP A 501 11.18 14.41 10.38
N MET A 502 10.78 13.84 11.52
CA MET A 502 10.03 14.60 12.53
C MET A 502 10.90 14.92 13.76
N TYR A 503 10.41 15.79 14.63
CA TYR A 503 11.16 16.20 15.81
C TYR A 503 10.19 16.79 16.82
N LEU A 504 10.51 16.62 18.10
CA LEU A 504 9.65 17.14 19.16
C LEU A 504 10.05 18.54 19.57
N ILE A 505 9.07 19.41 19.72
CA ILE A 505 9.33 20.78 20.15
C ILE A 505 8.70 21.07 21.49
N LYS A 506 9.05 22.22 22.07
CA LYS A 506 8.42 22.69 23.30
C LYS A 506 8.91 21.90 24.52
N ASP B 1 1.04 -0.54 -1.94
CA ASP B 1 1.07 -1.42 -0.77
C ASP B 1 -0.32 -1.53 -0.16
N VAL B 2 -0.63 -2.67 0.44
CA VAL B 2 -1.95 -2.88 1.02
C VAL B 2 -2.12 -2.10 2.33
N ALA B 3 -3.33 -1.56 2.53
CA ALA B 3 -3.66 -0.84 3.76
C ALA B 3 -4.82 -1.52 4.49
#